data_3RIX
#
_entry.id   3RIX
#
_cell.length_a   83.738
_cell.length_b   83.738
_cell.length_c   96.913
_cell.angle_alpha   90.000
_cell.angle_beta   90.000
_cell.angle_gamma   90.000
#
_symmetry.space_group_name_H-M   'P 41'
#
loop_
_entity.id
_entity.type
_entity.pdbx_description
1 polymer 'Luciferin 4-monooxygenase'
2 non-polymer (5Z)-4-hydroxy-3-[(2R)-2-(2-hydroxypropan-2-yl)-2,3-dihydro-1-benzofuran-5-yl]-5-{[(2R)-2-(2-hydroxypropan-2-yl)-2,3-dihydro-1-benzofuran-5-yl]methylidene}furan-2(5H)-one
3 water water
#
_entity_poly.entity_id   1
_entity_poly.type   'polypeptide(L)'
_entity_poly.pdbx_seq_one_letter_code
;MEDAKNIKKGPAPFYPLEDGTAGEQLHKAMKRYALVPGTIAFTDAHIEVNITYAEYFEMSVRLAEAMKRYGLNTNHRIVV
CSENSLQFFMPVLGALFIGVAVAPANDIYNERELLNSMNISQPTVVFVSKKGLQKILNVQKKLPIIQKIIIMDSKTDYQG
FQSMYTFVTSHLPPGFNEYDFVPESFDRDKTIALIMNSSGSTGLPKGVALPHRTACVRFSHARDPIFGNQIIPDTAILSV
VPFHHGFGMFTTLGYLICGFRVVLMYRFEEELFLRSLQDYKIQSALLVPTLFSFFAKSTLIDKYDLSNLHEIASGGAPLS
KEVGEAVAKRFHLPGIRQGYGLTETTSAILITPEGDDKPGAVGKVVPFFEAKVVDLDTGKTLGVNQRGELCVRGPMIMSG
YVNNPEATNALIDKDGWLHSGDIAYWDEDEHFFIVDRLKSLIKYKGYQVAPAELESILLQHPNIFDAGVAGLPDDDAGEL
PAAVVVLEHGKTMTEKEIVDYVASQVTTAKKLRGGVVFVDEVPKGLTGKLDARKIREILIKAKKGGKSKL
;
_entity_poly.pdbx_strand_id   A
#
loop_
_chem_comp.id
_chem_comp.type
_chem_comp.name
_chem_comp.formula
923 non-polymer (5Z)-4-hydroxy-3-[(2R)-2-(2-hydroxypropan-2-yl)-2,3-dihydro-1-benzofuran-5-yl]-5-{[(2R)-2-(2-hydroxypropan-2-yl)-2,3-dihydro-1-benzofuran-5-yl]methylidene}furan-2(5H)-one 'C27 H28 O7'
#
# COMPACT_ATOMS: atom_id res chain seq x y z
N ASP A 3 -13.00 -24.88 -19.44
CA ASP A 3 -11.74 -25.59 -19.29
C ASP A 3 -10.97 -25.05 -18.08
N ALA A 4 -11.07 -25.77 -16.97
CA ALA A 4 -10.47 -25.35 -15.70
C ALA A 4 -8.96 -25.37 -15.78
N LYS A 5 -8.42 -26.18 -16.70
CA LYS A 5 -6.98 -26.33 -16.77
C LYS A 5 -6.30 -25.06 -17.28
N ASN A 6 -7.08 -24.18 -17.92
CA ASN A 6 -6.54 -22.92 -18.41
C ASN A 6 -6.89 -21.72 -17.54
N ILE A 7 -7.46 -21.99 -16.37
CA ILE A 7 -7.60 -20.96 -15.33
C ILE A 7 -6.50 -21.19 -14.33
N LYS A 8 -5.58 -20.24 -14.17
CA LYS A 8 -4.48 -20.42 -13.26
C LYS A 8 -5.00 -20.02 -11.87
N LYS A 9 -4.74 -20.84 -10.87
CA LYS A 9 -5.23 -20.58 -9.52
C LYS A 9 -4.08 -20.44 -8.58
N GLY A 10 -4.17 -19.51 -7.64
CA GLY A 10 -3.15 -19.43 -6.62
C GLY A 10 -3.26 -20.63 -5.71
N PRO A 11 -2.16 -21.01 -5.07
CA PRO A 11 -2.19 -22.11 -4.13
C PRO A 11 -2.80 -21.66 -2.81
N ALA A 12 -2.90 -22.58 -1.87
CA ALA A 12 -3.39 -22.20 -0.55
C ALA A 12 -2.33 -21.33 0.10
N PRO A 13 -2.75 -20.32 0.87
CA PRO A 13 -1.79 -19.54 1.66
C PRO A 13 -1.04 -20.44 2.61
N PHE A 14 0.23 -20.13 2.87
CA PHE A 14 1.02 -20.95 3.80
C PHE A 14 0.33 -21.00 5.14
N TYR A 15 -0.18 -19.84 5.57
CA TYR A 15 -0.90 -19.71 6.84
C TYR A 15 -2.36 -19.35 6.55
N PRO A 16 -3.31 -20.02 7.22
CA PRO A 16 -4.70 -19.73 6.87
C PRO A 16 -5.03 -18.23 7.01
N LEU A 17 -6.00 -17.75 6.24
CA LEU A 17 -6.45 -16.37 6.34
C LEU A 17 -7.10 -16.10 7.70
N GLU A 18 -6.53 -15.18 8.47
CA GLU A 18 -7.08 -14.80 9.79
C GLU A 18 -8.41 -14.05 9.71
N ASP A 19 -9.27 -14.28 10.71
CA ASP A 19 -10.50 -13.53 10.85
C ASP A 19 -10.18 -12.11 11.34
N GLY A 20 -11.18 -11.23 11.31
CA GLY A 20 -11.01 -9.90 11.87
C GLY A 20 -10.88 -8.84 10.78
N THR A 21 -11.13 -7.59 11.15
CA THR A 21 -11.04 -6.51 10.20
C THR A 21 -9.54 -6.25 9.96
N ALA A 22 -9.24 -5.40 8.98
CA ALA A 22 -7.86 -5.02 8.70
C ALA A 22 -7.30 -4.26 9.90
N GLY A 23 -8.14 -3.43 10.52
CA GLY A 23 -7.76 -2.73 11.74
C GLY A 23 -7.42 -3.68 12.88
N GLU A 24 -8.24 -4.70 13.10
CA GLU A 24 -7.94 -5.64 14.18
C GLU A 24 -6.63 -6.38 13.98
N GLN A 25 -6.36 -6.75 12.74
CA GLN A 25 -5.15 -7.52 12.46
C GLN A 25 -3.91 -6.65 12.65
N LEU A 26 -3.97 -5.41 12.17
CA LEU A 26 -2.85 -4.48 12.33
C LEU A 26 -2.64 -4.15 13.81
N HIS A 27 -3.74 -3.93 14.51
CA HIS A 27 -3.67 -3.60 15.93
C HIS A 27 -3.00 -4.75 16.69
N LYS A 28 -3.43 -5.97 16.42
CA LYS A 28 -2.86 -7.12 17.12
C LYS A 28 -1.35 -7.26 16.87
N ALA A 29 -0.95 -7.10 15.62
CA ALA A 29 0.47 -7.29 15.29
C ALA A 29 1.28 -6.16 15.92
N MET A 30 0.81 -4.94 15.74
CA MET A 30 1.55 -3.78 16.23
C MET A 30 1.65 -3.76 17.74
N LYS A 31 0.63 -4.29 18.42
CA LYS A 31 0.70 -4.32 19.88
C LYS A 31 1.83 -5.26 20.30
N ARG A 32 2.00 -6.35 19.57
CA ARG A 32 3.05 -7.31 19.89
C ARG A 32 4.43 -6.68 19.76
N TYR A 33 4.66 -5.96 18.67
CA TYR A 33 5.95 -5.35 18.44
C TYR A 33 6.16 -4.19 19.39
N ALA A 34 5.08 -3.52 19.77
CA ALA A 34 5.14 -2.39 20.70
C ALA A 34 5.69 -2.81 22.05
N LEU A 35 5.55 -4.09 22.39
CA LEU A 35 5.94 -4.53 23.72
C LEU A 35 7.43 -4.85 23.80
N VAL A 36 8.12 -4.71 22.67
CA VAL A 36 9.58 -4.83 22.64
C VAL A 36 10.23 -3.46 22.39
N PRO A 37 10.78 -2.83 23.44
CA PRO A 37 11.38 -1.50 23.31
C PRO A 37 12.45 -1.46 22.23
N GLY A 38 12.45 -0.40 21.44
CA GLY A 38 13.50 -0.20 20.45
C GLY A 38 13.21 -0.80 19.10
N THR A 39 12.12 -1.58 18.96
CA THR A 39 11.79 -2.14 17.65
C THR A 39 11.37 -1.04 16.70
N ILE A 40 12.12 -0.84 15.62
CA ILE A 40 11.84 0.34 14.77
C ILE A 40 10.80 0.08 13.70
N ALA A 41 9.77 0.94 13.66
CA ALA A 41 8.71 0.85 12.63
C ALA A 41 9.08 1.64 11.37
N PHE A 42 9.43 2.93 11.50
CA PHE A 42 9.80 3.76 10.35
C PHE A 42 11.06 4.56 10.63
N THR A 43 11.80 4.84 9.57
CA THR A 43 13.01 5.66 9.65
C THR A 43 12.96 6.64 8.51
N ASP A 44 13.13 7.93 8.81
CA ASP A 44 13.11 8.92 7.73
C ASP A 44 14.55 9.09 7.30
N ALA A 45 14.90 8.66 6.09
CA ALA A 45 16.30 8.67 5.66
C ALA A 45 16.85 10.09 5.49
N HIS A 46 15.95 11.04 5.28
CA HIS A 46 16.36 12.41 5.07
C HIS A 46 16.74 13.11 6.38
N ILE A 47 15.94 12.93 7.43
CA ILE A 47 16.21 13.62 8.70
C ILE A 47 16.79 12.66 9.74
N GLU A 48 16.87 11.39 9.37
CA GLU A 48 17.54 10.35 10.15
C GLU A 48 16.84 9.94 11.44
N VAL A 49 15.60 10.36 11.63
CA VAL A 49 14.90 10.04 12.86
C VAL A 49 14.19 8.69 12.74
N ASN A 50 14.21 7.92 13.82
CA ASN A 50 13.51 6.62 13.90
C ASN A 50 12.28 6.73 14.80
N ILE A 51 11.22 5.99 14.48
CA ILE A 51 10.09 5.90 15.40
C ILE A 51 9.81 4.42 15.62
N THR A 52 9.61 4.04 16.87
CA THR A 52 9.49 2.64 17.24
C THR A 52 8.04 2.19 17.13
N TYR A 53 7.83 0.87 17.13
CA TYR A 53 6.47 0.35 17.14
C TYR A 53 5.71 0.78 18.39
N ALA A 54 6.38 0.91 19.53
CA ALA A 54 5.63 1.35 20.73
C ALA A 54 5.08 2.77 20.52
N GLU A 55 5.92 3.66 19.99
CA GLU A 55 5.46 5.00 19.73
C GLU A 55 4.33 5.00 18.72
N TYR A 56 4.48 4.18 17.68
CA TYR A 56 3.52 4.17 16.56
C TYR A 56 2.18 3.62 17.02
N PHE A 57 2.26 2.52 17.74
CA PHE A 57 1.07 1.88 18.28
C PHE A 57 0.31 2.82 19.22
N GLU A 58 1.04 3.43 20.15
CA GLU A 58 0.37 4.32 21.09
C GLU A 58 -0.29 5.52 20.42
N MET A 59 0.41 6.17 19.49
CA MET A 59 -0.20 7.33 18.83
C MET A 59 -1.39 6.93 17.94
N SER A 60 -1.27 5.80 17.22
CA SER A 60 -2.40 5.36 16.37
C SER A 60 -3.65 5.02 17.20
N VAL A 61 -3.44 4.35 18.32
CA VAL A 61 -4.58 4.05 19.22
C VAL A 61 -5.15 5.34 19.82
N ARG A 62 -4.31 6.28 20.22
CA ARG A 62 -4.82 7.55 20.75
C ARG A 62 -5.60 8.32 19.68
N LEU A 63 -5.12 8.30 18.45
CA LEU A 63 -5.87 8.93 17.37
C LEU A 63 -7.20 8.24 17.13
N ALA A 64 -7.20 6.91 17.14
CA ALA A 64 -8.45 6.15 16.97
C ALA A 64 -9.44 6.61 18.03
N GLU A 65 -9.02 6.61 19.28
CA GLU A 65 -9.97 6.95 20.36
C GLU A 65 -10.41 8.42 20.23
N ALA A 66 -9.48 9.30 19.93
CA ALA A 66 -9.82 10.71 19.77
C ALA A 66 -10.82 10.93 18.63
N MET A 67 -10.63 10.25 17.50
CA MET A 67 -11.56 10.40 16.39
C MET A 67 -12.95 9.86 16.80
N LYS A 68 -12.98 8.74 17.51
CA LYS A 68 -14.24 8.15 18.00
C LYS A 68 -14.96 9.16 18.91
N ARG A 69 -14.22 9.81 19.80
CA ARG A 69 -14.85 10.74 20.75
C ARG A 69 -15.26 12.03 20.06
N TYR A 70 -14.52 12.43 19.04
CA TYR A 70 -14.86 13.60 18.26
C TYR A 70 -16.19 13.37 17.58
N GLY A 71 -16.45 12.12 17.22
CA GLY A 71 -17.72 11.75 16.64
C GLY A 71 -17.66 11.02 15.31
N LEU A 72 -16.48 10.55 14.88
CA LEU A 72 -16.40 9.79 13.64
C LEU A 72 -16.73 8.32 13.83
N ASN A 73 -17.40 7.75 12.82
CA ASN A 73 -17.79 6.34 12.81
C ASN A 73 -17.82 5.87 11.35
N THR A 74 -18.38 4.68 11.10
CA THR A 74 -18.31 4.09 9.75
C THR A 74 -19.03 4.90 8.68
N ASN A 75 -19.83 5.87 9.09
CA ASN A 75 -20.49 6.74 8.12
C ASN A 75 -19.60 7.86 7.57
N HIS A 76 -18.41 8.01 8.14
CA HIS A 76 -17.53 9.13 7.77
C HIS A 76 -16.27 8.65 7.08
N ARG A 77 -15.62 9.61 6.44
CA ARG A 77 -14.34 9.34 5.77
C ARG A 77 -13.36 10.43 6.20
N ILE A 78 -12.07 10.11 6.14
CA ILE A 78 -11.04 11.12 6.33
C ILE A 78 -10.15 11.09 5.10
N VAL A 79 -9.46 12.19 4.87
CA VAL A 79 -8.44 12.26 3.86
C VAL A 79 -7.11 12.36 4.57
N VAL A 80 -6.10 11.69 4.03
CA VAL A 80 -4.73 11.91 4.49
C VAL A 80 -3.94 12.43 3.28
N CYS A 81 -3.44 13.66 3.36
CA CYS A 81 -2.75 14.31 2.24
C CYS A 81 -1.33 14.72 2.65
N SER A 82 -0.34 13.90 2.30
CA SER A 82 1.01 14.16 2.76
C SER A 82 2.03 13.42 1.93
N GLU A 83 3.20 14.04 1.80
CA GLU A 83 4.38 13.39 1.29
C GLU A 83 4.71 12.23 2.22
N ASN A 84 5.52 11.26 1.79
CA ASN A 84 5.92 10.19 2.70
C ASN A 84 6.58 10.80 3.94
N SER A 85 6.23 10.29 5.12
CA SER A 85 6.74 10.85 6.34
C SER A 85 6.59 9.84 7.46
N LEU A 86 7.21 10.12 8.59
CA LEU A 86 7.07 9.29 9.78
C LEU A 86 5.62 9.29 10.27
N GLN A 87 4.87 10.34 10.00
CA GLN A 87 3.52 10.49 10.58
C GLN A 87 2.43 9.95 9.65
N PHE A 88 2.80 9.61 8.42
CA PHE A 88 1.78 9.33 7.40
C PHE A 88 0.77 8.26 7.88
N PHE A 89 1.27 7.17 8.42
CA PHE A 89 0.38 6.06 8.77
C PHE A 89 -0.33 6.19 10.10
N MET A 90 -0.06 7.23 10.87
CA MET A 90 -0.78 7.37 12.13
C MET A 90 -2.31 7.53 11.97
N PRO A 91 -2.76 8.50 11.16
CA PRO A 91 -4.22 8.61 10.97
C PRO A 91 -4.76 7.45 10.13
N VAL A 92 -3.94 6.87 9.26
CA VAL A 92 -4.39 5.70 8.50
C VAL A 92 -4.75 4.56 9.45
N LEU A 93 -3.84 4.22 10.35
CA LEU A 93 -4.06 3.12 11.26
C LEU A 93 -5.18 3.48 12.23
N GLY A 94 -5.18 4.72 12.72
CA GLY A 94 -6.21 5.08 13.68
C GLY A 94 -7.60 4.91 13.07
N ALA A 95 -7.76 5.31 11.80
CA ALA A 95 -9.07 5.22 11.15
C ALA A 95 -9.44 3.76 10.90
N LEU A 96 -8.47 2.96 10.47
CA LEU A 96 -8.74 1.53 10.26
C LEU A 96 -9.19 0.89 11.56
N PHE A 97 -8.66 1.37 12.69
CA PHE A 97 -9.00 0.75 13.96
C PHE A 97 -10.47 1.00 14.33
N ILE A 98 -11.10 2.02 13.74
CA ILE A 98 -12.48 2.35 14.10
C ILE A 98 -13.45 2.31 12.92
N GLY A 99 -12.98 1.81 11.78
CA GLY A 99 -13.87 1.59 10.65
C GLY A 99 -14.20 2.84 9.86
N VAL A 100 -13.38 3.89 10.00
CA VAL A 100 -13.54 5.10 9.22
C VAL A 100 -12.72 4.95 7.92
N ALA A 101 -13.33 5.19 6.77
CA ALA A 101 -12.62 4.96 5.50
C ALA A 101 -11.59 6.05 5.29
N VAL A 102 -10.44 5.66 4.73
CA VAL A 102 -9.32 6.58 4.55
C VAL A 102 -9.14 6.81 3.06
N ALA A 103 -9.07 8.07 2.65
CA ALA A 103 -8.84 8.42 1.26
C ALA A 103 -7.50 9.16 1.15
N PRO A 104 -6.46 8.45 0.75
CA PRO A 104 -5.17 9.15 0.60
C PRO A 104 -5.21 10.02 -0.65
N ALA A 105 -4.83 11.28 -0.53
CA ALA A 105 -4.82 12.16 -1.69
C ALA A 105 -3.39 12.45 -2.11
N ASN A 106 -3.14 12.33 -3.41
CA ASN A 106 -1.83 12.61 -3.97
C ASN A 106 -1.35 14.00 -3.55
N ASP A 107 -0.19 14.09 -2.94
CA ASP A 107 0.25 15.35 -2.36
C ASP A 107 0.87 16.29 -3.39
N ILE A 108 1.00 15.83 -4.65
CA ILE A 108 1.37 16.79 -5.70
C ILE A 108 0.17 17.22 -6.55
N TYR A 109 -1.04 16.75 -6.21
CA TYR A 109 -2.24 17.28 -6.89
C TYR A 109 -2.33 18.79 -6.62
N ASN A 110 -2.75 19.56 -7.62
CA ASN A 110 -3.06 20.97 -7.37
C ASN A 110 -4.47 21.07 -6.79
N GLU A 111 -4.94 22.29 -6.58
CA GLU A 111 -6.23 22.49 -5.91
C GLU A 111 -7.39 21.85 -6.68
N ARG A 112 -7.33 21.90 -8.01
CA ARG A 112 -8.42 21.40 -8.83
C ARG A 112 -8.53 19.88 -8.75
N GLU A 113 -7.38 19.22 -8.81
CA GLU A 113 -7.32 17.76 -8.76
C GLU A 113 -7.68 17.24 -7.38
N LEU A 114 -7.21 17.93 -6.35
CA LEU A 114 -7.61 17.62 -4.99
C LEU A 114 -9.10 17.75 -4.84
N LEU A 115 -9.65 18.82 -5.39
CA LEU A 115 -11.08 19.07 -5.26
C LEU A 115 -11.87 17.93 -5.90
N ASN A 116 -11.45 17.49 -7.09
CA ASN A 116 -12.14 16.39 -7.76
C ASN A 116 -12.03 15.12 -6.93
N SER A 117 -10.84 14.86 -6.40
CA SER A 117 -10.62 13.69 -5.57
C SER A 117 -11.49 13.69 -4.31
N MET A 118 -11.53 14.84 -3.63
CA MET A 118 -12.23 14.91 -2.35
C MET A 118 -13.71 15.15 -2.55
N ASN A 119 -14.09 15.55 -3.75
CA ASN A 119 -15.50 15.62 -4.06
C ASN A 119 -16.02 14.19 -4.15
N ILE A 120 -15.16 13.27 -4.57
CA ILE A 120 -15.54 11.87 -4.61
C ILE A 120 -15.55 11.25 -3.20
N SER A 121 -14.50 11.49 -2.42
CA SER A 121 -14.37 10.83 -1.12
C SER A 121 -15.20 11.49 0.00
N GLN A 122 -15.51 12.78 -0.17
CA GLN A 122 -16.34 13.54 0.76
C GLN A 122 -15.92 13.34 2.23
N PRO A 123 -14.71 13.76 2.60
CA PRO A 123 -14.21 13.61 3.96
C PRO A 123 -14.75 14.64 4.94
N THR A 124 -14.89 14.24 6.20
CA THR A 124 -15.30 15.12 7.29
C THR A 124 -14.09 15.78 7.94
N VAL A 125 -12.98 15.04 7.99
CA VAL A 125 -11.76 15.53 8.61
C VAL A 125 -10.63 15.31 7.60
N VAL A 126 -9.74 16.29 7.45
CA VAL A 126 -8.57 16.12 6.58
C VAL A 126 -7.32 16.23 7.42
N PHE A 127 -6.47 15.20 7.34
CA PHE A 127 -5.14 15.23 7.93
C PHE A 127 -4.19 15.70 6.83
N VAL A 128 -3.39 16.72 7.09
CA VAL A 128 -2.51 17.22 6.03
C VAL A 128 -1.15 17.60 6.61
N SER A 129 -0.08 17.49 5.80
CA SER A 129 1.22 18.01 6.23
C SER A 129 1.20 19.56 6.17
N LYS A 130 2.17 20.19 6.81
CA LYS A 130 2.25 21.64 6.79
C LYS A 130 2.25 22.16 5.35
N LYS A 131 2.99 21.49 4.47
CA LYS A 131 3.18 22.06 3.12
C LYS A 131 1.92 21.91 2.26
N GLY A 132 0.98 21.08 2.70
CA GLY A 132 -0.29 20.90 2.00
C GLY A 132 -1.45 21.75 2.52
N LEU A 133 -1.23 22.47 3.61
CA LEU A 133 -2.31 23.14 4.32
C LEU A 133 -3.00 24.19 3.42
N GLN A 134 -2.23 24.97 2.68
CA GLN A 134 -2.83 26.02 1.85
C GLN A 134 -3.76 25.44 0.79
N LYS A 135 -3.37 24.34 0.17
CA LYS A 135 -4.23 23.70 -0.83
C LYS A 135 -5.52 23.19 -0.21
N ILE A 136 -5.43 22.60 0.98
CA ILE A 136 -6.64 22.08 1.63
C ILE A 136 -7.56 23.21 2.00
N LEU A 137 -7.00 24.33 2.45
CA LEU A 137 -7.86 25.44 2.84
C LEU A 137 -8.57 25.98 1.60
N ASN A 138 -7.88 25.99 0.46
CA ASN A 138 -8.52 26.42 -0.78
C ASN A 138 -9.60 25.42 -1.21
N VAL A 139 -9.37 24.12 -1.02
CA VAL A 139 -10.37 23.11 -1.36
C VAL A 139 -11.58 23.22 -0.43
N GLN A 140 -11.32 23.46 0.84
CA GLN A 140 -12.37 23.48 1.85
C GLN A 140 -13.37 24.57 1.51
N LYS A 141 -12.91 25.61 0.83
CA LYS A 141 -13.80 26.70 0.42
C LYS A 141 -14.93 26.17 -0.48
N LYS A 142 -14.61 25.19 -1.31
CA LYS A 142 -15.63 24.62 -2.19
C LYS A 142 -16.30 23.35 -1.63
N LEU A 143 -15.77 22.82 -0.54
CA LEU A 143 -16.26 21.55 0.01
C LEU A 143 -16.54 21.66 1.49
N PRO A 144 -17.64 22.32 1.86
CA PRO A 144 -17.93 22.61 3.27
C PRO A 144 -18.03 21.37 4.16
N ILE A 145 -18.20 20.20 3.58
CA ILE A 145 -18.28 18.97 4.36
C ILE A 145 -17.02 18.76 5.22
N ILE A 146 -15.90 19.33 4.79
CA ILE A 146 -14.67 19.29 5.57
C ILE A 146 -14.83 20.20 6.78
N GLN A 147 -15.06 19.60 7.94
CA GLN A 147 -15.30 20.33 9.20
C GLN A 147 -14.04 20.68 9.97
N LYS A 148 -12.97 19.95 9.69
CA LYS A 148 -11.84 19.96 10.60
C LYS A 148 -10.57 19.57 9.83
N ILE A 149 -9.50 20.33 10.04
CA ILE A 149 -8.21 20.08 9.40
C ILE A 149 -7.18 19.91 10.53
N ILE A 150 -6.43 18.83 10.48
CA ILE A 150 -5.46 18.49 11.50
C ILE A 150 -4.09 18.38 10.84
N ILE A 151 -3.07 18.99 11.46
CA ILE A 151 -1.73 19.06 10.89
C ILE A 151 -0.88 17.87 11.36
N MET A 152 -0.33 17.13 10.39
CA MET A 152 0.32 15.86 10.68
C MET A 152 1.73 16.01 11.24
N ASP A 153 2.51 16.90 10.66
CA ASP A 153 3.93 16.92 10.97
C ASP A 153 4.26 18.12 11.87
N SER A 154 3.41 18.34 12.87
CA SER A 154 3.66 19.36 13.86
C SER A 154 3.44 18.75 15.25
N LYS A 155 4.19 19.21 16.24
CA LYS A 155 3.95 18.81 17.62
C LYS A 155 2.89 19.71 18.27
N THR A 156 3.08 21.02 18.11
CA THR A 156 2.15 22.01 18.64
C THR A 156 1.11 22.40 17.59
N ASP A 157 0.12 23.21 17.97
CA ASP A 157 -0.76 23.80 16.98
C ASP A 157 0.11 24.48 15.91
N TYR A 158 -0.47 24.64 14.73
CA TYR A 158 0.24 25.20 13.58
C TYR A 158 -0.71 26.11 12.85
N GLN A 159 -0.40 27.41 12.88
CA GLN A 159 -1.21 28.41 12.17
C GLN A 159 -2.70 28.35 12.53
N GLY A 160 -2.96 28.11 13.80
CA GLY A 160 -4.32 28.08 14.30
C GLY A 160 -5.01 26.73 14.17
N PHE A 161 -4.32 25.74 13.59
CA PHE A 161 -4.91 24.39 13.47
C PHE A 161 -4.25 23.44 14.45
N GLN A 162 -5.02 22.48 14.93
CA GLN A 162 -4.49 21.49 15.85
C GLN A 162 -3.57 20.56 15.12
N SER A 163 -2.57 20.05 15.85
CA SER A 163 -1.74 18.97 15.34
C SER A 163 -2.40 17.64 15.75
N MET A 164 -1.85 16.52 15.31
CA MET A 164 -2.44 15.25 15.73
C MET A 164 -2.35 15.15 17.25
N TYR A 165 -1.24 15.65 17.81
CA TYR A 165 -0.97 15.55 19.25
C TYR A 165 -1.94 16.41 20.08
N THR A 166 -2.14 17.68 19.69
CA THR A 166 -3.09 18.50 20.44
C THR A 166 -4.56 18.09 20.20
N PHE A 167 -4.86 17.57 19.01
CA PHE A 167 -6.19 17.04 18.74
C PHE A 167 -6.47 15.88 19.71
N VAL A 168 -5.50 14.99 19.87
CA VAL A 168 -5.69 13.84 20.76
C VAL A 168 -5.91 14.32 22.19
N THR A 169 -5.13 15.29 22.64
CA THR A 169 -5.27 15.76 24.04
C THR A 169 -6.64 16.37 24.30
N SER A 170 -7.20 16.99 23.26
CA SER A 170 -8.51 17.63 23.32
C SER A 170 -9.67 16.65 23.47
N HIS A 171 -9.46 15.40 23.08
CA HIS A 171 -10.55 14.45 23.00
C HIS A 171 -10.43 13.18 23.82
N LEU A 172 -9.22 12.83 24.26
CA LEU A 172 -9.08 11.61 25.04
C LEU A 172 -9.74 11.73 26.42
N PRO A 173 -10.39 10.66 26.87
CA PRO A 173 -10.95 10.67 28.21
C PRO A 173 -9.84 10.57 29.22
N PRO A 174 -10.09 11.03 30.45
CA PRO A 174 -9.08 10.89 31.49
C PRO A 174 -8.76 9.41 31.71
N GLY A 175 -7.50 9.09 31.98
CA GLY A 175 -7.15 7.73 32.32
C GLY A 175 -7.16 6.81 31.12
N PHE A 176 -7.19 7.36 29.91
CA PHE A 176 -7.18 6.51 28.71
C PHE A 176 -5.97 5.61 28.73
N ASN A 177 -6.20 4.32 28.46
CA ASN A 177 -5.10 3.36 28.44
C ASN A 177 -4.94 2.74 27.06
N GLU A 178 -3.83 3.04 26.40
CA GLU A 178 -3.63 2.58 25.02
C GLU A 178 -3.61 1.07 24.89
N TYR A 179 -3.18 0.39 25.96
CA TYR A 179 -3.05 -1.05 25.95
C TYR A 179 -4.34 -1.76 26.37
N ASP A 180 -5.32 -1.00 26.86
CA ASP A 180 -6.66 -1.56 27.11
C ASP A 180 -7.60 -1.37 25.91
N PHE A 181 -7.25 -0.43 25.03
CA PHE A 181 -8.06 -0.10 23.87
C PHE A 181 -8.32 -1.36 23.04
N VAL A 182 -9.55 -1.47 22.53
CA VAL A 182 -9.92 -2.56 21.62
C VAL A 182 -10.50 -1.96 20.32
N PRO A 183 -9.95 -2.34 19.16
CA PRO A 183 -10.45 -1.77 17.91
C PRO A 183 -11.89 -2.20 17.63
N GLU A 184 -12.57 -1.45 16.81
CA GLU A 184 -13.95 -1.76 16.43
C GLU A 184 -13.98 -3.04 15.57
N SER A 185 -15.08 -3.78 15.75
CA SER A 185 -15.39 -4.94 14.96
C SER A 185 -16.58 -4.61 14.08
N PHE A 186 -16.54 -5.06 12.83
CA PHE A 186 -17.58 -4.77 11.85
C PHE A 186 -17.42 -5.73 10.68
N ASP A 187 -18.41 -5.73 9.79
CA ASP A 187 -18.40 -6.62 8.63
C ASP A 187 -17.30 -6.16 7.69
N ARG A 188 -16.30 -7.00 7.51
CA ARG A 188 -15.13 -6.58 6.73
C ARG A 188 -15.37 -6.58 5.21
N ASP A 189 -16.47 -7.19 4.74
CA ASP A 189 -16.79 -7.12 3.31
C ASP A 189 -17.61 -5.88 3.00
N LYS A 190 -18.35 -5.38 3.98
CA LYS A 190 -19.22 -4.23 3.79
C LYS A 190 -18.55 -2.90 4.15
N THR A 191 -17.55 -2.95 5.01
CA THR A 191 -16.95 -1.71 5.53
C THR A 191 -15.70 -1.34 4.73
N ILE A 192 -15.70 -0.16 4.14
CA ILE A 192 -14.59 0.27 3.31
CA ILE A 192 -14.60 0.30 3.31
C ILE A 192 -13.39 0.69 4.16
N ALA A 193 -12.20 0.21 3.78
CA ALA A 193 -10.96 0.59 4.43
C ALA A 193 -10.31 1.80 3.76
N LEU A 194 -10.13 1.71 2.43
CA LEU A 194 -9.43 2.74 1.69
C LEU A 194 -10.28 3.15 0.50
N ILE A 195 -10.24 4.43 0.17
CA ILE A 195 -10.74 4.90 -1.13
C ILE A 195 -9.53 5.44 -1.85
N MET A 196 -9.08 4.73 -2.89
CA MET A 196 -7.83 5.06 -3.59
C MET A 196 -8.16 5.80 -4.86
N ASN A 197 -7.30 6.69 -5.31
CA ASN A 197 -7.60 7.37 -6.58
C ASN A 197 -7.09 6.59 -7.77
N SER A 198 -7.88 6.58 -8.83
CA SER A 198 -7.47 5.95 -10.08
C SER A 198 -7.80 6.87 -11.25
N LEU A 204 -11.34 11.98 -15.63
CA LEU A 204 -10.74 12.36 -14.36
C LEU A 204 -10.62 11.12 -13.48
N PRO A 205 -9.67 11.14 -12.53
CA PRO A 205 -9.56 10.00 -11.62
C PRO A 205 -10.91 9.62 -11.01
N LYS A 206 -11.04 8.34 -10.66
CA LYS A 206 -12.20 7.83 -9.97
C LYS A 206 -11.79 7.50 -8.54
N GLY A 207 -12.75 7.14 -7.71
CA GLY A 207 -12.45 6.66 -6.38
C GLY A 207 -12.68 5.16 -6.27
N VAL A 208 -11.64 4.43 -5.88
CA VAL A 208 -11.68 2.97 -5.84
C VAL A 208 -11.97 2.53 -4.43
N ALA A 209 -13.14 1.91 -4.19
CA ALA A 209 -13.51 1.53 -2.82
C ALA A 209 -13.00 0.14 -2.50
N LEU A 210 -12.20 0.04 -1.45
CA LEU A 210 -11.59 -1.23 -1.06
C LEU A 210 -12.06 -1.61 0.35
N PRO A 211 -12.95 -2.61 0.45
CA PRO A 211 -13.37 -3.14 1.76
C PRO A 211 -12.21 -3.65 2.58
N HIS A 212 -12.38 -3.67 3.90
CA HIS A 212 -11.39 -4.25 4.80
C HIS A 212 -10.93 -5.63 4.37
N ARG A 213 -11.81 -6.44 3.80
CA ARG A 213 -11.42 -7.75 3.30
C ARG A 213 -10.16 -7.73 2.40
N THR A 214 -10.07 -6.76 1.53
CA THR A 214 -9.00 -6.78 0.55
C THR A 214 -7.68 -6.56 1.24
N ALA A 215 -7.66 -5.72 2.27
CA ALA A 215 -6.42 -5.55 3.02
C ALA A 215 -6.10 -6.80 3.82
N CYS A 216 -7.10 -7.48 4.36
CA CYS A 216 -6.81 -8.69 5.11
C CYS A 216 -6.14 -9.74 4.21
N VAL A 217 -6.60 -9.81 2.97
CA VAL A 217 -6.01 -10.77 2.03
C VAL A 217 -4.57 -10.35 1.71
N ARG A 218 -4.37 -9.06 1.48
CA ARG A 218 -3.03 -8.53 1.29
C ARG A 218 -2.12 -8.94 2.43
N PHE A 219 -2.60 -8.89 3.67
CA PHE A 219 -1.72 -9.19 4.80
C PHE A 219 -1.35 -10.67 4.85
N SER A 220 -2.20 -11.52 4.30
CA SER A 220 -1.84 -12.91 4.12
C SER A 220 -0.68 -13.04 3.11
N HIS A 221 -0.78 -12.37 1.98
CA HIS A 221 0.30 -12.45 1.00
C HIS A 221 1.60 -11.88 1.57
N ALA A 222 1.50 -10.78 2.32
CA ALA A 222 2.69 -10.02 2.67
C ALA A 222 3.69 -10.83 3.49
N ARG A 223 3.21 -11.73 4.33
CA ARG A 223 4.07 -12.55 5.17
CA ARG A 223 4.10 -12.54 5.14
C ARG A 223 4.16 -13.99 4.66
N ASP A 224 3.58 -14.25 3.49
CA ASP A 224 3.65 -15.61 2.92
C ASP A 224 5.11 -15.92 2.54
N PRO A 225 5.63 -17.09 2.93
CA PRO A 225 7.04 -17.35 2.62
C PRO A 225 7.33 -17.43 1.11
N ILE A 226 6.31 -17.75 0.31
CA ILE A 226 6.46 -17.80 -1.14
C ILE A 226 6.05 -16.49 -1.83
N PHE A 227 4.90 -15.94 -1.46
CA PHE A 227 4.36 -14.79 -2.18
C PHE A 227 4.64 -13.45 -1.50
N GLY A 228 5.34 -13.49 -0.39
CA GLY A 228 5.70 -12.28 0.34
C GLY A 228 7.09 -12.40 0.94
N ASN A 229 7.26 -11.87 2.14
CA ASN A 229 8.52 -11.97 2.86
C ASN A 229 8.32 -12.77 4.13
N GLN A 230 9.21 -13.75 4.33
CA GLN A 230 9.27 -14.48 5.59
C GLN A 230 9.51 -13.48 6.71
N ILE A 231 8.78 -13.63 7.81
CA ILE A 231 8.96 -12.73 8.93
C ILE A 231 10.24 -13.12 9.66
N ILE A 232 11.28 -12.31 9.48
CA ILE A 232 12.56 -12.51 10.16
C ILE A 232 12.95 -11.24 10.95
N PRO A 233 13.51 -11.40 12.16
CA PRO A 233 13.87 -10.21 12.94
C PRO A 233 14.96 -9.36 12.26
N ASP A 234 14.91 -8.06 12.54
CA ASP A 234 15.89 -7.10 12.04
C ASP A 234 15.86 -6.93 10.53
N THR A 235 14.70 -7.15 9.94
CA THR A 235 14.54 -6.94 8.51
C THR A 235 14.22 -5.46 8.25
N ALA A 236 14.93 -4.87 7.29
CA ALA A 236 14.70 -3.48 6.92
C ALA A 236 14.45 -3.37 5.41
N ILE A 237 13.50 -2.49 5.07
CA ILE A 237 13.08 -2.27 3.68
C ILE A 237 13.37 -0.82 3.39
N LEU A 238 13.75 -0.52 2.15
CA LEU A 238 13.87 0.89 1.75
C LEU A 238 12.77 1.18 0.75
N SER A 239 11.92 2.13 1.08
CA SER A 239 10.79 2.45 0.21
C SER A 239 10.76 3.93 -0.20
N VAL A 240 10.82 4.20 -1.51
CA VAL A 240 10.69 5.57 -2.01
CA VAL A 240 10.69 5.57 -1.97
C VAL A 240 9.35 5.75 -2.70
N VAL A 241 8.51 4.72 -2.65
CA VAL A 241 7.26 4.77 -3.40
CA VAL A 241 7.23 4.68 -3.36
C VAL A 241 6.21 5.53 -2.61
N PRO A 242 5.40 6.31 -3.32
CA PRO A 242 4.42 7.14 -2.58
C PRO A 242 3.43 6.30 -1.79
N PHE A 243 3.21 6.69 -0.53
CA PHE A 243 2.33 5.93 0.34
C PHE A 243 0.86 6.07 -0.08
N HIS A 244 0.52 7.11 -0.83
CA HIS A 244 -0.88 7.30 -1.20
C HIS A 244 -1.25 6.48 -2.45
N HIS A 245 -0.28 5.77 -3.02
CA HIS A 245 -0.52 4.89 -4.17
C HIS A 245 -0.58 3.44 -3.69
N GLY A 246 -1.32 2.58 -4.38
CA GLY A 246 -1.51 1.24 -3.87
C GLY A 246 -0.24 0.45 -3.59
N PHE A 247 0.79 0.60 -4.43
CA PHE A 247 2.03 -0.14 -4.23
C PHE A 247 2.65 0.30 -2.90
N GLY A 248 2.70 1.60 -2.64
CA GLY A 248 3.23 2.07 -1.34
C GLY A 248 2.35 1.77 -0.15
N MET A 249 1.05 1.91 -0.32
CA MET A 249 0.10 1.76 0.78
C MET A 249 0.13 0.34 1.24
N PHE A 250 0.00 -0.59 0.28
CA PHE A 250 -0.21 -1.98 0.69
C PHE A 250 1.06 -2.78 0.94
N THR A 251 2.20 -2.36 0.39
CA THR A 251 3.45 -2.93 0.86
C THR A 251 3.73 -2.45 2.28
N THR A 252 3.52 -1.16 2.56
CA THR A 252 3.86 -0.65 3.91
C THR A 252 2.98 -1.27 4.98
N LEU A 253 1.67 -1.34 4.73
CA LEU A 253 0.81 -1.96 5.76
C LEU A 253 1.26 -3.40 5.98
N GLY A 254 1.61 -4.09 4.88
CA GLY A 254 2.14 -5.43 5.03
C GLY A 254 3.40 -5.50 5.85
N TYR A 255 4.30 -4.52 5.67
CA TYR A 255 5.53 -4.52 6.43
C TYR A 255 5.28 -4.30 7.92
N LEU A 256 4.25 -3.51 8.25
CA LEU A 256 3.92 -3.27 9.66
C LEU A 256 3.40 -4.58 10.29
N ILE A 257 2.66 -5.35 9.51
CA ILE A 257 2.15 -6.64 9.97
C ILE A 257 3.32 -7.55 10.30
N CYS A 258 4.39 -7.45 9.48
CA CYS A 258 5.59 -8.25 9.64
C CYS A 258 6.58 -7.74 10.71
N GLY A 259 6.38 -6.53 11.22
CA GLY A 259 7.26 -5.98 12.24
C GLY A 259 8.58 -5.47 11.67
N PHE A 260 8.60 -5.21 10.36
CA PHE A 260 9.84 -4.77 9.70
C PHE A 260 10.11 -3.29 9.99
N ARG A 261 11.33 -2.87 9.70
CA ARG A 261 11.73 -1.48 9.75
C ARG A 261 11.59 -0.90 8.35
N VAL A 262 10.74 0.11 8.21
CA VAL A 262 10.50 0.72 6.92
C VAL A 262 11.26 2.03 6.81
N VAL A 263 12.35 2.02 6.06
CA VAL A 263 13.12 3.23 5.84
C VAL A 263 12.50 3.96 4.67
N LEU A 264 12.09 5.20 4.86
CA LEU A 264 11.40 5.91 3.81
C LEU A 264 12.20 7.05 3.24
N MET A 265 11.91 7.35 2.00
CA MET A 265 12.37 8.58 1.36
C MET A 265 11.14 9.23 0.73
N TYR A 266 11.10 10.55 0.70
CA TYR A 266 9.97 11.22 0.06
C TYR A 266 10.41 11.82 -1.26
N ARG A 267 11.72 11.85 -1.49
CA ARG A 267 12.29 12.38 -2.73
C ARG A 267 13.45 11.49 -3.14
N PHE A 268 13.47 11.02 -4.38
CA PHE A 268 14.61 10.20 -4.82
C PHE A 268 15.89 11.01 -5.00
N GLU A 269 17.00 10.51 -4.47
CA GLU A 269 18.34 11.03 -4.75
C GLU A 269 19.27 9.83 -4.80
N GLU A 270 20.16 9.80 -5.79
CA GLU A 270 20.97 8.61 -6.03
C GLU A 270 21.87 8.28 -4.84
N GLU A 271 22.67 9.25 -4.38
CA GLU A 271 23.62 8.96 -3.30
C GLU A 271 22.88 8.58 -2.01
N LEU A 272 21.86 9.33 -1.65
CA LEU A 272 21.12 9.02 -0.42
C LEU A 272 20.50 7.62 -0.52
N PHE A 273 19.98 7.28 -1.69
CA PHE A 273 19.34 5.98 -1.84
C PHE A 273 20.36 4.86 -1.63
N LEU A 274 21.51 4.96 -2.29
CA LEU A 274 22.49 3.87 -2.21
C LEU A 274 23.16 3.86 -0.84
N ARG A 275 23.41 5.03 -0.27
CA ARG A 275 24.04 5.10 1.04
C ARG A 275 23.07 4.50 2.06
N SER A 276 21.78 4.76 1.88
CA SER A 276 20.78 4.16 2.77
C SER A 276 20.77 2.62 2.65
N LEU A 277 20.81 2.08 1.44
CA LEU A 277 20.87 0.64 1.28
C LEU A 277 22.04 0.10 2.06
N GLN A 278 23.18 0.76 1.95
CA GLN A 278 24.37 0.27 2.63
C GLN A 278 24.28 0.42 4.15
N ASP A 279 23.94 1.62 4.61
CA ASP A 279 24.18 1.96 6.00
C ASP A 279 23.08 1.33 6.87
N TYR A 280 21.88 1.20 6.29
CA TYR A 280 20.79 0.59 7.04
C TYR A 280 20.75 -0.93 6.81
N LYS A 281 21.72 -1.45 6.07
CA LYS A 281 21.80 -2.89 5.79
C LYS A 281 20.48 -3.42 5.26
N ILE A 282 19.91 -2.68 4.31
CA ILE A 282 18.60 -2.97 3.76
C ILE A 282 18.58 -4.33 3.06
N GLN A 283 17.51 -5.09 3.30
CA GLN A 283 17.36 -6.41 2.68
C GLN A 283 16.50 -6.34 1.43
N SER A 284 15.58 -5.39 1.38
CA SER A 284 14.68 -5.33 0.23
C SER A 284 14.40 -3.87 -0.09
N ALA A 285 14.38 -3.53 -1.38
CA ALA A 285 14.11 -2.14 -1.80
C ALA A 285 13.02 -2.14 -2.84
N LEU A 286 12.15 -1.14 -2.78
CA LEU A 286 11.04 -1.04 -3.74
C LEU A 286 11.26 0.04 -4.77
N LEU A 287 11.12 -0.30 -6.05
CA LEU A 287 11.27 0.68 -7.12
C LEU A 287 10.07 0.70 -8.07
N VAL A 288 9.91 1.81 -8.77
CA VAL A 288 8.91 1.93 -9.81
C VAL A 288 9.69 1.90 -11.10
N PRO A 289 9.02 1.58 -12.22
CA PRO A 289 9.81 1.37 -13.43
C PRO A 289 10.71 2.53 -13.83
N THR A 290 10.31 3.77 -13.61
CA THR A 290 11.20 4.85 -14.09
C THR A 290 12.45 4.94 -13.22
N LEU A 291 12.39 4.42 -12.00
CA LEU A 291 13.58 4.38 -11.18
C LEU A 291 14.42 3.16 -11.53
N PHE A 292 13.79 2.13 -12.10
CA PHE A 292 14.56 1.03 -12.68
C PHE A 292 15.38 1.52 -13.84
N SER A 293 14.76 2.32 -14.71
CA SER A 293 15.48 2.84 -15.86
C SER A 293 16.65 3.66 -15.37
N PHE A 294 16.43 4.39 -14.28
CA PHE A 294 17.49 5.20 -13.71
C PHE A 294 18.65 4.32 -13.28
N PHE A 295 18.36 3.24 -12.54
CA PHE A 295 19.49 2.43 -12.04
C PHE A 295 20.16 1.60 -13.13
N ALA A 296 19.49 1.40 -14.25
CA ALA A 296 20.14 0.75 -15.40
C ALA A 296 21.22 1.67 -15.98
N LYS A 297 21.13 2.96 -15.66
CA LYS A 297 22.10 3.94 -16.14
C LYS A 297 23.16 4.26 -15.08
N SER A 298 22.86 3.98 -13.80
CA SER A 298 23.78 4.33 -12.70
C SER A 298 25.09 3.56 -12.77
N THR A 299 26.20 4.22 -12.46
CA THR A 299 27.48 3.52 -12.28
C THR A 299 27.99 3.58 -10.84
N LEU A 300 27.30 4.31 -9.98
CA LEU A 300 27.70 4.50 -8.58
C LEU A 300 27.44 3.28 -7.69
N ILE A 301 26.59 2.37 -8.17
CA ILE A 301 26.20 1.23 -7.36
C ILE A 301 27.39 0.42 -6.84
N ASP A 302 28.45 0.28 -7.61
CA ASP A 302 29.55 -0.57 -7.15
C ASP A 302 30.47 0.12 -6.14
N LYS A 303 30.19 1.37 -5.83
CA LYS A 303 30.96 2.05 -4.80
C LYS A 303 30.41 1.78 -3.40
N TYR A 304 29.28 1.06 -3.28
CA TYR A 304 28.65 0.80 -1.98
C TYR A 304 28.67 -0.69 -1.62
N ASP A 305 28.68 -0.96 -0.31
CA ASP A 305 28.58 -2.33 0.20
C ASP A 305 27.12 -2.69 0.33
N LEU A 306 26.64 -3.42 -0.66
CA LEU A 306 25.25 -3.85 -0.70
C LEU A 306 25.10 -5.35 -0.40
N SER A 307 25.99 -5.89 0.43
CA SER A 307 26.06 -7.33 0.62
C SER A 307 24.82 -7.88 1.35
N ASN A 308 24.10 -7.01 2.05
CA ASN A 308 22.90 -7.42 2.78
C ASN A 308 21.64 -7.42 1.90
N LEU A 309 21.73 -6.81 0.72
CA LEU A 309 20.56 -6.69 -0.15
C LEU A 309 20.21 -8.04 -0.74
N HIS A 310 18.95 -8.43 -0.56
CA HIS A 310 18.44 -9.72 -0.97
C HIS A 310 17.53 -9.58 -2.18
N GLU A 311 16.79 -8.47 -2.28
CA GLU A 311 15.85 -8.35 -3.39
C GLU A 311 15.51 -6.90 -3.70
N ILE A 312 15.09 -6.70 -4.93
CA ILE A 312 14.51 -5.44 -5.37
C ILE A 312 13.16 -5.77 -5.97
N ALA A 313 12.12 -5.09 -5.52
CA ALA A 313 10.78 -5.33 -6.06
C ALA A 313 10.40 -4.16 -6.95
N SER A 314 9.71 -4.44 -8.05
CA SER A 314 9.29 -3.36 -8.94
C SER A 314 7.80 -3.41 -9.08
N GLY A 315 7.16 -2.27 -8.90
CA GLY A 315 5.72 -2.19 -9.07
C GLY A 315 5.30 -0.84 -9.61
N GLY A 316 4.02 -0.73 -9.98
CA GLY A 316 3.46 0.52 -10.43
C GLY A 316 3.10 0.49 -11.91
N ALA A 317 3.72 -0.41 -12.65
CA ALA A 317 3.53 -0.52 -14.10
C ALA A 317 4.50 -1.60 -14.59
N PRO A 318 4.09 -2.39 -15.59
CA PRO A 318 4.95 -3.52 -15.97
CA PRO A 318 4.95 -3.51 -15.99
C PRO A 318 6.36 -3.05 -16.35
N LEU A 319 7.35 -3.89 -16.04
CA LEU A 319 8.75 -3.56 -16.27
C LEU A 319 9.27 -4.32 -17.48
N SER A 320 10.02 -3.66 -18.36
CA SER A 320 10.60 -4.34 -19.50
C SER A 320 11.63 -5.37 -19.04
N LYS A 321 11.73 -6.49 -19.76
CA LYS A 321 12.62 -7.57 -19.40
C LYS A 321 14.10 -7.17 -19.36
N GLU A 322 14.53 -6.40 -20.34
CA GLU A 322 15.96 -6.07 -20.46
C GLU A 322 16.40 -5.12 -19.36
N VAL A 323 15.56 -4.16 -19.01
CA VAL A 323 15.89 -3.23 -17.94
C VAL A 323 16.01 -4.00 -16.63
N GLY A 324 15.09 -4.91 -16.38
CA GLY A 324 15.15 -5.75 -15.18
C GLY A 324 16.43 -6.54 -15.10
N GLU A 325 16.86 -7.14 -16.21
CA GLU A 325 18.09 -7.92 -16.19
C GLU A 325 19.31 -7.03 -15.94
N ALA A 326 19.31 -5.82 -16.48
CA ALA A 326 20.45 -4.92 -16.30
C ALA A 326 20.60 -4.55 -14.83
N VAL A 327 19.48 -4.21 -14.21
CA VAL A 327 19.48 -3.77 -12.81
C VAL A 327 19.87 -4.91 -11.89
N ALA A 328 19.32 -6.10 -12.12
CA ALA A 328 19.67 -7.24 -11.28
C ALA A 328 21.18 -7.48 -11.30
N LYS A 329 21.78 -7.35 -12.48
CA LYS A 329 23.23 -7.57 -12.60
C LYS A 329 24.03 -6.51 -11.86
N ARG A 330 23.65 -5.24 -12.01
CA ARG A 330 24.34 -4.15 -11.33
C ARG A 330 24.31 -4.32 -9.80
N PHE A 331 23.19 -4.85 -9.28
CA PHE A 331 23.05 -5.03 -7.84
C PHE A 331 23.47 -6.39 -7.33
N HIS A 332 23.96 -7.24 -8.24
CA HIS A 332 24.48 -8.56 -7.86
C HIS A 332 23.39 -9.46 -7.30
N LEU A 333 22.22 -9.36 -7.90
CA LEU A 333 21.06 -10.17 -7.53
C LEU A 333 20.78 -11.17 -8.63
N PRO A 334 20.22 -12.34 -8.27
CA PRO A 334 19.85 -13.36 -9.27
C PRO A 334 18.71 -12.94 -10.18
N GLY A 335 17.88 -12.01 -9.71
CA GLY A 335 16.75 -11.55 -10.50
C GLY A 335 16.02 -10.44 -9.76
N ILE A 336 14.86 -10.07 -10.29
CA ILE A 336 14.03 -8.99 -9.78
C ILE A 336 12.72 -9.59 -9.26
N ARG A 337 12.22 -9.07 -8.15
CA ARG A 337 10.98 -9.56 -7.58
C ARG A 337 9.86 -8.73 -8.20
N GLN A 338 9.22 -9.25 -9.23
CA GLN A 338 8.22 -8.48 -9.95
C GLN A 338 6.83 -8.82 -9.48
N GLY A 339 5.89 -7.99 -9.85
CA GLY A 339 4.49 -8.27 -9.57
C GLY A 339 3.63 -7.41 -10.46
N TYR A 340 2.35 -7.73 -10.54
CA TYR A 340 1.43 -6.96 -11.35
C TYR A 340 0.18 -6.69 -10.55
N GLY A 341 -0.19 -5.42 -10.44
CA GLY A 341 -1.43 -5.04 -9.80
C GLY A 341 -2.01 -3.80 -10.46
N LEU A 342 -3.18 -3.42 -9.98
CA LEU A 342 -3.86 -2.22 -10.39
C LEU A 342 -4.48 -1.63 -9.12
N THR A 343 -4.82 -0.36 -9.16
CA THR A 343 -5.45 0.27 -7.98
C THR A 343 -6.72 -0.52 -7.67
N GLU A 344 -7.41 -0.90 -8.74
CA GLU A 344 -8.67 -1.65 -8.65
C GLU A 344 -8.53 -3.09 -8.15
N THR A 345 -7.30 -3.62 -8.02
CA THR A 345 -7.10 -4.94 -7.42
C THR A 345 -6.38 -4.86 -6.07
N THR A 346 -6.44 -3.67 -5.48
CA THR A 346 -5.80 -3.36 -4.20
C THR A 346 -4.27 -3.32 -4.34
N SER A 347 -3.65 -4.44 -4.68
CA SER A 347 -2.18 -4.51 -4.81
C SER A 347 -1.87 -5.59 -5.85
N ALA A 348 -0.68 -6.19 -5.76
CA ALA A 348 -0.30 -7.18 -6.78
C ALA A 348 -1.12 -8.45 -6.61
N ILE A 349 -1.69 -8.95 -7.70
CA ILE A 349 -2.32 -10.28 -7.63
C ILE A 349 -1.56 -11.30 -8.49
N LEU A 350 -0.51 -10.85 -9.18
CA LEU A 350 0.53 -11.75 -9.68
C LEU A 350 1.83 -11.31 -9.02
N ILE A 351 2.54 -12.24 -8.37
CA ILE A 351 3.79 -11.93 -7.68
C ILE A 351 4.84 -13.00 -7.96
N THR A 352 6.07 -12.57 -8.18
CA THR A 352 7.18 -13.50 -8.32
C THR A 352 7.35 -14.36 -7.07
N PRO A 353 7.24 -15.69 -7.20
CA PRO A 353 7.46 -16.49 -6.00
C PRO A 353 8.90 -16.42 -5.53
N GLU A 354 9.12 -16.42 -4.22
CA GLU A 354 10.44 -16.25 -3.67
C GLU A 354 11.38 -17.29 -4.23
N GLY A 355 12.49 -16.85 -4.81
CA GLY A 355 13.54 -17.73 -5.30
C GLY A 355 13.24 -18.34 -6.66
N ASP A 356 12.10 -17.98 -7.23
CA ASP A 356 11.64 -18.58 -8.48
C ASP A 356 11.33 -17.50 -9.49
N ASP A 357 12.21 -16.50 -9.53
CA ASP A 357 12.11 -15.43 -10.52
C ASP A 357 12.42 -15.96 -11.92
N LYS A 358 11.80 -15.37 -12.92
CA LYS A 358 12.09 -15.71 -14.30
C LYS A 358 12.07 -14.39 -15.09
N PRO A 359 13.20 -14.06 -15.72
CA PRO A 359 13.36 -12.72 -16.30
C PRO A 359 12.19 -12.31 -17.17
N GLY A 360 11.61 -11.16 -16.89
CA GLY A 360 10.55 -10.62 -17.72
C GLY A 360 9.16 -11.05 -17.28
N ALA A 361 9.09 -11.99 -16.34
CA ALA A 361 7.81 -12.49 -15.83
C ALA A 361 7.33 -11.60 -14.68
N VAL A 362 6.02 -11.45 -14.53
CA VAL A 362 5.49 -10.76 -13.33
C VAL A 362 5.13 -11.75 -12.22
N GLY A 363 5.37 -13.03 -12.43
CA GLY A 363 5.20 -14.01 -11.36
C GLY A 363 3.98 -14.89 -11.52
N LYS A 364 3.49 -15.44 -10.40
CA LYS A 364 2.39 -16.40 -10.43
C LYS A 364 1.16 -15.84 -9.70
N VAL A 365 -0.01 -16.41 -9.98
CA VAL A 365 -1.25 -15.97 -9.32
C VAL A 365 -1.17 -16.18 -7.81
N VAL A 366 -1.50 -15.14 -7.06
CA VAL A 366 -1.42 -15.22 -5.61
C VAL A 366 -2.55 -16.05 -5.02
N PRO A 367 -2.34 -16.58 -3.81
CA PRO A 367 -3.40 -17.27 -3.06
C PRO A 367 -4.72 -16.52 -3.05
N PHE A 368 -5.80 -17.29 -3.15
CA PHE A 368 -7.17 -16.81 -3.23
C PHE A 368 -7.58 -16.22 -4.59
N PHE A 369 -6.66 -16.11 -5.55
CA PHE A 369 -7.03 -15.51 -6.82
C PHE A 369 -7.08 -16.56 -7.94
N GLU A 370 -7.73 -16.19 -9.03
CA GLU A 370 -7.57 -16.88 -10.31
C GLU A 370 -7.29 -15.86 -11.41
N ALA A 371 -6.65 -16.30 -12.49
CA ALA A 371 -6.33 -15.41 -13.58
C ALA A 371 -6.45 -16.23 -14.85
N LYS A 372 -6.90 -15.58 -15.90
CA LYS A 372 -6.94 -16.22 -17.23
C LYS A 372 -6.57 -15.19 -18.26
N VAL A 373 -6.28 -15.62 -19.48
CA VAL A 373 -6.13 -14.67 -20.57
C VAL A 373 -7.16 -15.06 -21.60
N VAL A 374 -7.79 -14.07 -22.22
CA VAL A 374 -8.92 -14.33 -23.10
C VAL A 374 -8.64 -13.78 -24.49
N ASP A 375 -9.13 -14.51 -25.48
CA ASP A 375 -8.95 -14.12 -26.86
C ASP A 375 -9.67 -12.80 -27.05
N LEU A 376 -9.00 -11.84 -27.66
CA LEU A 376 -9.59 -10.53 -27.87
C LEU A 376 -10.73 -10.58 -28.89
N ASP A 377 -10.88 -11.70 -29.60
CA ASP A 377 -11.98 -11.86 -30.53
C ASP A 377 -13.07 -12.75 -29.94
N THR A 378 -12.69 -13.95 -29.54
CA THR A 378 -13.66 -14.97 -29.17
C THR A 378 -14.05 -14.94 -27.70
N GLY A 379 -13.29 -14.21 -26.90
CA GLY A 379 -13.57 -14.12 -25.48
C GLY A 379 -13.29 -15.44 -24.80
N LYS A 380 -12.73 -16.40 -25.55
CA LYS A 380 -12.45 -17.72 -25.01
C LYS A 380 -11.20 -17.69 -24.15
N THR A 381 -11.22 -18.47 -23.08
CA THR A 381 -10.03 -18.72 -22.28
C THR A 381 -8.93 -19.41 -23.10
N LEU A 382 -7.71 -18.90 -23.00
CA LEU A 382 -6.63 -19.39 -23.84
C LEU A 382 -5.72 -20.30 -23.04
N GLY A 383 -5.00 -21.16 -23.74
CA GLY A 383 -4.06 -22.05 -23.09
C GLY A 383 -2.64 -21.50 -22.99
N VAL A 384 -1.70 -22.38 -22.65
CA VAL A 384 -0.34 -22.00 -22.34
C VAL A 384 0.34 -21.33 -23.52
N ASN A 385 1.05 -20.24 -23.25
CA ASN A 385 1.82 -19.53 -24.26
C ASN A 385 0.98 -18.79 -25.29
N GLN A 386 -0.28 -18.53 -24.98
CA GLN A 386 -1.11 -17.77 -25.91
C GLN A 386 -1.46 -16.40 -25.38
N ARG A 387 -1.39 -15.39 -26.25
CA ARG A 387 -1.56 -13.98 -25.86
C ARG A 387 -3.01 -13.53 -25.93
N GLY A 388 -3.49 -12.89 -24.85
CA GLY A 388 -4.82 -12.29 -24.87
C GLY A 388 -4.99 -11.38 -23.66
N GLU A 389 -6.19 -10.92 -23.41
CA GLU A 389 -6.39 -9.97 -22.31
C GLU A 389 -6.36 -10.66 -20.95
N LEU A 390 -5.58 -10.11 -20.03
CA LEU A 390 -5.46 -10.64 -18.68
C LEU A 390 -6.70 -10.26 -17.88
N CYS A 391 -7.29 -11.25 -17.23
CA CYS A 391 -8.52 -11.09 -16.45
C CYS A 391 -8.27 -11.76 -15.13
N VAL A 392 -8.67 -11.13 -14.02
CA VAL A 392 -8.43 -11.75 -12.73
C VAL A 392 -9.70 -11.69 -11.88
N ARG A 393 -9.77 -12.60 -10.94
CA ARG A 393 -10.93 -12.74 -10.08
C ARG A 393 -10.50 -13.14 -8.68
N GLY A 394 -10.93 -12.40 -7.67
CA GLY A 394 -10.49 -12.72 -6.34
C GLY A 394 -10.92 -11.67 -5.33
N PRO A 395 -10.63 -11.93 -4.06
CA PRO A 395 -11.21 -11.07 -3.02
C PRO A 395 -10.43 -9.78 -2.74
N MET A 396 -9.43 -9.44 -3.55
CA MET A 396 -8.84 -8.11 -3.44
C MET A 396 -9.43 -7.17 -4.47
N ILE A 397 -10.32 -7.65 -5.32
CA ILE A 397 -10.92 -6.75 -6.27
C ILE A 397 -11.78 -5.73 -5.53
N MET A 398 -11.76 -4.49 -6.00
CA MET A 398 -12.49 -3.40 -5.38
C MET A 398 -13.99 -3.71 -5.36
N SER A 399 -14.71 -3.10 -4.42
CA SER A 399 -16.16 -3.29 -4.38
C SER A 399 -16.80 -2.46 -5.49
N GLY A 400 -16.09 -1.41 -5.93
CA GLY A 400 -16.53 -0.62 -7.07
C GLY A 400 -15.95 0.78 -7.05
N TYR A 401 -16.07 1.49 -8.16
CA TYR A 401 -15.77 2.92 -8.17
C TYR A 401 -16.86 3.66 -7.40
N VAL A 402 -16.47 4.66 -6.62
CA VAL A 402 -17.40 5.37 -5.74
C VAL A 402 -18.43 6.15 -6.56
N ASN A 403 -19.70 5.82 -6.36
CA ASN A 403 -20.79 6.52 -7.05
C ASN A 403 -20.65 6.48 -8.58
N ASN A 404 -20.09 5.40 -9.11
CA ASN A 404 -19.90 5.28 -10.56
C ASN A 404 -20.11 3.84 -11.01
N PRO A 405 -21.34 3.33 -10.86
CA PRO A 405 -21.67 1.95 -11.23
C PRO A 405 -21.43 1.61 -12.73
N GLU A 406 -21.57 2.58 -13.63
CA GLU A 406 -21.34 2.33 -15.06
C GLU A 406 -19.86 2.04 -15.34
N ALA A 407 -18.98 2.82 -14.71
CA ALA A 407 -17.55 2.60 -14.88
C ALA A 407 -17.16 1.28 -14.25
N THR A 408 -17.79 0.94 -13.14
CA THR A 408 -17.51 -0.32 -12.48
C THR A 408 -17.91 -1.50 -13.37
N ASN A 409 -19.08 -1.38 -14.00
CA ASN A 409 -19.62 -2.46 -14.80
C ASN A 409 -18.85 -2.65 -16.11
N ALA A 410 -18.21 -1.59 -16.56
CA ALA A 410 -17.42 -1.64 -17.78
C ALA A 410 -16.09 -2.35 -17.53
N LEU A 411 -15.71 -2.47 -16.26
CA LEU A 411 -14.43 -3.08 -15.91
C LEU A 411 -14.60 -4.49 -15.37
N ILE A 412 -15.66 -4.72 -14.61
CA ILE A 412 -15.85 -5.99 -13.93
C ILE A 412 -17.13 -6.62 -14.46
N ASP A 413 -17.06 -7.88 -14.92
CA ASP A 413 -18.23 -8.51 -15.51
C ASP A 413 -19.09 -9.22 -14.45
N LYS A 414 -20.25 -9.70 -14.87
CA LYS A 414 -21.23 -10.29 -13.96
C LYS A 414 -20.70 -11.49 -13.18
N ASP A 415 -19.66 -12.15 -13.70
CA ASP A 415 -19.08 -13.31 -13.01
C ASP A 415 -17.95 -12.92 -12.06
N GLY A 416 -17.70 -11.62 -11.93
CA GLY A 416 -16.65 -11.15 -11.04
C GLY A 416 -15.25 -11.02 -11.63
N TRP A 417 -15.09 -11.31 -12.92
CA TRP A 417 -13.79 -11.11 -13.58
C TRP A 417 -13.53 -9.64 -13.87
N LEU A 418 -12.38 -9.13 -13.41
CA LEU A 418 -11.93 -7.80 -13.79
C LEU A 418 -11.08 -7.91 -15.05
N HIS A 419 -11.41 -7.10 -16.04
CA HIS A 419 -10.67 -7.08 -17.29
C HIS A 419 -9.62 -5.97 -17.26
N SER A 420 -8.36 -6.37 -17.23
CA SER A 420 -7.26 -5.46 -16.91
C SER A 420 -6.92 -4.50 -18.03
N GLY A 421 -7.22 -4.88 -19.27
CA GLY A 421 -6.88 -4.07 -20.42
C GLY A 421 -5.47 -4.33 -20.92
N ASP A 422 -4.73 -5.17 -20.21
CA ASP A 422 -3.36 -5.51 -20.60
C ASP A 422 -3.32 -6.87 -21.30
N ILE A 423 -2.39 -7.04 -22.26
CA ILE A 423 -2.21 -8.35 -22.89
C ILE A 423 -1.12 -9.13 -22.19
N ALA A 424 -1.33 -10.44 -22.03
CA ALA A 424 -0.43 -11.26 -21.27
C ALA A 424 -0.48 -12.69 -21.78
N TYR A 425 0.44 -13.54 -21.33
CA TYR A 425 0.31 -15.00 -21.44
C TYR A 425 0.94 -15.66 -20.24
N TRP A 426 0.65 -16.93 -20.02
CA TRP A 426 1.32 -17.69 -18.97
C TRP A 426 2.04 -18.89 -19.54
N ASP A 427 3.07 -19.36 -18.84
CA ASP A 427 3.94 -20.41 -19.37
C ASP A 427 3.71 -21.75 -18.68
N GLU A 428 4.55 -22.73 -18.98
CA GLU A 428 4.29 -24.10 -18.52
C GLU A 428 4.50 -24.25 -17.03
N ASP A 429 5.18 -23.29 -16.42
CA ASP A 429 5.34 -23.27 -14.97
C ASP A 429 4.27 -22.38 -14.33
N GLU A 430 3.30 -21.91 -15.11
CA GLU A 430 2.26 -20.97 -14.69
C GLU A 430 2.80 -19.59 -14.28
N HIS A 431 3.96 -19.23 -14.81
CA HIS A 431 4.45 -17.86 -14.71
C HIS A 431 3.77 -17.00 -15.74
N PHE A 432 3.39 -15.78 -15.34
CA PHE A 432 2.71 -14.87 -16.25
C PHE A 432 3.70 -13.84 -16.80
N PHE A 433 3.48 -13.44 -18.05
CA PHE A 433 4.28 -12.42 -18.73
C PHE A 433 3.39 -11.36 -19.30
N ILE A 434 3.69 -10.10 -19.00
CA ILE A 434 2.94 -9.00 -19.61
C ILE A 434 3.59 -8.59 -20.89
N VAL A 435 2.78 -8.45 -21.94
CA VAL A 435 3.25 -7.94 -23.21
C VAL A 435 2.63 -6.56 -23.45
C1 923 B . 4.01 -6.07 -5.32
C2 923 B . 4.56 -5.78 -6.58
C3 923 B . 5.82 -6.26 -6.95
C4 923 B . 6.53 -7.08 -6.08
C5 923 B . 5.96 -7.41 -4.87
C6 923 B . 4.74 -6.92 -4.50
C7 923 B . 4.39 -7.41 -3.11
C8 923 B . 5.56 -8.38 -2.87
O9 923 B . 6.54 -8.22 -3.92
C10 923 B . 3.90 -4.90 -7.56
C11 923 B . 2.74 -4.05 -7.27
O12 923 B . 2.10 -3.93 -6.20
C13 923 B . 1.17 -3.07 -6.38
C14 923 B . 1.15 -2.55 -7.69
C15 923 B . 2.21 -3.24 -8.22
C16 923 B . 0.26 -1.54 -8.31
C17 923 B . 0.36 -1.24 -9.68
C18 923 B . -0.51 -0.29 -10.19
C19 923 B . -1.42 0.37 -9.42
C20 923 B . -1.53 0.10 -8.06
C21 923 B . -0.68 -0.87 -7.52
C22 923 B . -0.63 0.24 -11.58
C23 923 B . -1.67 1.36 -11.47
O24 923 B . -2.16 1.30 -10.11
C25 923 B . -1.11 2.73 -11.81
C26 923 B . -0.84 2.83 -13.31
O27 923 B . 0.13 2.93 -11.12
C28 923 B . -2.10 3.82 -11.42
C29 923 B . 6.25 -8.14 -1.54
O30 923 B . 5.32 -8.38 -0.47
C31 923 B . 6.79 -6.71 -1.51
C32 923 B . 7.39 -9.14 -1.38
O33 923 B . 0.35 -2.73 -5.46
O34 923 B . 2.73 -3.10 -9.59
#